data_8GQM
#
_entry.id   8GQM
#
_cell.length_a   81.986
_cell.length_b   90.970
_cell.length_c   98.706
_cell.angle_alpha   90.000
_cell.angle_beta   90.000
_cell.angle_gamma   90.000
#
_symmetry.space_group_name_H-M   'C 2 2 21'
#
loop_
_entity.id
_entity.type
_entity.pdbx_description
1 polymer Thiolase
2 non-polymer 'ACETYL COENZYME *A'
3 non-polymer GLYCEROL
4 water water
#
_entity_poly.entity_id   1
_entity_poly.type   'polypeptide(L)'
_entity_poly.pdbx_seq_one_letter_code
;MGSSHHHHHHSSGLVPRGSHMSPISVVIAGYARSPFHFARKGALVDIRPDDLAAAVLKGLVEKLDLDPALLEDVVMGCAY
PEAEQGMNIARIASFRAGFPQSLGGATLNRFSGSSMSAVHYAAGQVLLGAGEAFIAAGVESMTRVPMGGFNLSPNPALLQ
DYPAVYMSMGQTAENVAERYAVSRVEQEEMAVRSHAKAVAAREAGLLREEIVAIDTPAGRVAEDGCIRPGTNLESLAQLK
PAFGGSVTAATSSPLTDGSAALLVCSEDFARRHGLVILARIKAVAVAGCAPEIMGMGPVQATRKVLQRAGLGIADIDLVE
INEAFASQSIACIRELGLDMDRINLDGGALAIGHPLGATGARITGKAAALLRRTGGRYAIATQCIAGGQGVATLLEAVEL
EHHHHHH
;
_entity_poly.pdbx_strand_id   A
#
loop_
_chem_comp.id
_chem_comp.type
_chem_comp.name
_chem_comp.formula
ACO non-polymer 'ACETYL COENZYME *A' 'C23 H38 N7 O17 P3 S'
GOL non-polymer GLYCEROL 'C3 H8 O3'
#
# COMPACT_ATOMS: atom_id res chain seq x y z
N ILE A 24 1.22 25.07 7.63
CA ILE A 24 0.11 24.16 8.01
C ILE A 24 0.70 22.77 8.26
N SER A 25 0.36 22.15 9.38
CA SER A 25 0.73 20.76 9.78
C SER A 25 -0.27 19.81 9.13
N VAL A 26 0.25 18.84 8.37
CA VAL A 26 -0.60 17.85 7.64
C VAL A 26 -0.51 16.54 8.39
N VAL A 27 -1.64 15.97 8.76
CA VAL A 27 -1.64 14.74 9.57
C VAL A 27 -2.50 13.68 8.89
N ILE A 28 -2.26 12.46 9.33
CA ILE A 28 -3.16 11.31 9.04
C ILE A 28 -4.02 11.12 10.29
N ALA A 29 -5.33 11.25 10.15
CA ALA A 29 -6.24 11.18 11.32
C ALA A 29 -7.31 10.13 11.08
N GLY A 30 -7.00 9.15 10.29
CA GLY A 30 -7.87 7.99 10.19
C GLY A 30 -7.34 7.02 9.16
N TYR A 31 -7.57 5.74 9.41
CA TYR A 31 -7.04 4.65 8.56
C TYR A 31 -8.04 3.51 8.62
N ALA A 32 -8.54 3.08 7.49
CA ALA A 32 -9.45 1.93 7.39
C ALA A 32 -9.18 1.18 6.12
N ARG A 33 -9.45 -0.11 6.13
CA ARG A 33 -9.32 -0.92 4.91
C ARG A 33 -10.24 -2.10 4.99
N SER A 34 -10.59 -2.66 3.86
CA SER A 34 -11.25 -3.96 3.83
C SER A 34 -10.26 -4.99 4.33
N PRO A 35 -10.75 -6.19 4.70
CA PRO A 35 -9.90 -7.37 4.64
C PRO A 35 -9.31 -7.48 3.22
N PHE A 36 -8.12 -8.08 3.14
CA PHE A 36 -7.48 -8.35 1.84
C PHE A 36 -7.59 -9.82 1.57
N HIS A 37 -8.01 -10.19 0.38
CA HIS A 37 -8.27 -11.58 -0.03
C HIS A 37 -7.59 -11.89 -1.33
N PHE A 38 -7.32 -13.19 -1.54
CA PHE A 38 -6.76 -13.65 -2.82
C PHE A 38 -7.74 -13.32 -3.95
N ALA A 39 -7.21 -12.82 -5.06
CA ALA A 39 -7.97 -12.73 -6.33
C ALA A 39 -8.42 -14.13 -6.75
N ARG A 40 -9.62 -14.20 -7.32
CA ARG A 40 -10.22 -15.38 -7.99
C ARG A 40 -10.67 -16.44 -6.99
N LYS A 41 -9.91 -16.67 -5.93
CA LYS A 41 -10.15 -17.82 -5.02
C LYS A 41 -10.55 -17.34 -3.62
N GLY A 42 -10.53 -16.03 -3.34
CA GLY A 42 -10.81 -15.51 -2.01
C GLY A 42 -12.22 -14.97 -1.86
N ALA A 43 -12.47 -14.31 -0.74
CA ALA A 43 -13.82 -14.03 -0.24
C ALA A 43 -14.43 -12.78 -0.89
N LEU A 44 -13.68 -11.99 -1.67
CA LEU A 44 -14.19 -10.71 -2.21
C LEU A 44 -14.41 -10.77 -3.72
N VAL A 45 -14.45 -11.97 -4.31
CA VAL A 45 -14.55 -12.11 -5.78
C VAL A 45 -15.87 -11.55 -6.31
N ASP A 46 -16.91 -11.56 -5.50
CA ASP A 46 -18.25 -11.12 -5.97
C ASP A 46 -18.45 -9.62 -5.80
N ILE A 47 -17.50 -8.91 -5.21
CA ILE A 47 -17.70 -7.46 -4.87
C ILE A 47 -17.03 -6.60 -5.93
N ARG A 48 -17.80 -5.82 -6.65
CA ARG A 48 -17.24 -4.87 -7.63
C ARG A 48 -16.26 -3.94 -6.90
N PRO A 49 -15.16 -3.54 -7.58
CA PRO A 49 -14.19 -2.66 -6.91
C PRO A 49 -14.75 -1.29 -6.52
N ASP A 50 -15.69 -0.73 -7.28
CA ASP A 50 -16.30 0.55 -6.88
C ASP A 50 -17.10 0.36 -5.58
N ASP A 51 -17.86 -0.73 -5.49
CA ASP A 51 -18.64 -1.01 -4.25
C ASP A 51 -17.68 -1.30 -3.10
N LEU A 52 -16.59 -2.04 -3.35
CA LEU A 52 -15.60 -2.36 -2.28
C LEU A 52 -14.99 -1.06 -1.75
N ALA A 53 -14.58 -0.19 -2.68
CA ALA A 53 -14.03 1.10 -2.26
C ALA A 53 -15.09 1.90 -1.50
N ALA A 54 -16.32 1.97 -1.98
CA ALA A 54 -17.39 2.74 -1.34
C ALA A 54 -17.61 2.25 0.10
N ALA A 55 -17.52 0.94 0.34
CA ALA A 55 -17.74 0.38 1.70
C ALA A 55 -16.64 0.87 2.64
N VAL A 56 -15.42 0.94 2.13
CA VAL A 56 -14.27 1.39 2.95
C VAL A 56 -14.37 2.89 3.17
N LEU A 57 -14.77 3.68 2.15
CA LEU A 57 -14.98 5.13 2.37
C LEU A 57 -16.00 5.33 3.48
N LYS A 58 -17.13 4.65 3.40
CA LYS A 58 -18.20 4.80 4.42
C LYS A 58 -17.68 4.34 5.77
N GLY A 59 -16.99 3.21 5.81
CA GLY A 59 -16.47 2.70 7.09
C GLY A 59 -15.51 3.65 7.71
N LEU A 60 -14.66 4.32 6.92
CA LEU A 60 -13.73 5.29 7.50
C LEU A 60 -14.49 6.43 8.16
N VAL A 61 -15.38 7.12 7.45
CA VAL A 61 -16.02 8.30 8.07
C VAL A 61 -16.89 7.86 9.25
N GLU A 62 -17.47 6.69 9.19
CA GLU A 62 -18.33 6.20 10.31
C GLU A 62 -17.45 5.95 11.52
N LYS A 63 -16.28 5.33 11.37
CA LYS A 63 -15.40 5.07 12.55
C LYS A 63 -14.97 6.40 13.15
N LEU A 64 -14.84 7.48 12.37
CA LEU A 64 -14.37 8.77 12.90
C LEU A 64 -15.55 9.63 13.39
N ASP A 65 -16.78 9.18 13.15
CA ASP A 65 -18.04 9.97 13.40
C ASP A 65 -17.94 11.33 12.70
N LEU A 66 -17.46 11.30 11.45
CA LEU A 66 -17.12 12.53 10.69
C LEU A 66 -18.09 12.69 9.53
N ASP A 67 -18.70 13.86 9.45
CA ASP A 67 -19.63 14.20 8.37
C ASP A 67 -18.84 14.29 7.08
N PRO A 68 -19.12 13.42 6.10
CA PRO A 68 -18.37 13.48 4.85
C PRO A 68 -18.61 14.78 4.07
N ALA A 69 -19.60 15.59 4.43
CA ALA A 69 -19.75 16.94 3.83
C ALA A 69 -18.54 17.83 4.11
N LEU A 70 -17.74 17.50 5.14
CA LEU A 70 -16.53 18.28 5.49
C LEU A 70 -15.35 17.98 4.57
N LEU A 71 -15.48 16.93 3.74
CA LEU A 71 -14.35 16.53 2.88
C LEU A 71 -14.27 17.38 1.60
N GLU A 72 -13.07 17.74 1.23
CA GLU A 72 -12.81 18.52 0.00
C GLU A 72 -12.85 17.60 -1.23
N ASP A 73 -12.29 16.40 -1.12
CA ASP A 73 -11.92 15.62 -2.31
C ASP A 73 -11.60 14.20 -1.88
N VAL A 74 -11.91 13.26 -2.76
CA VAL A 74 -11.54 11.84 -2.62
C VAL A 74 -10.55 11.54 -3.75
N VAL A 75 -9.34 11.12 -3.39
CA VAL A 75 -8.33 10.79 -4.43
C VAL A 75 -8.09 9.31 -4.28
N MET A 76 -8.45 8.56 -5.31
CA MET A 76 -8.47 7.08 -5.26
C MET A 76 -7.35 6.54 -6.17
N GLY A 77 -6.41 5.83 -5.58
CA GLY A 77 -5.39 5.12 -6.36
C GLY A 77 -5.95 3.85 -6.96
N CYS A 78 -5.56 3.59 -8.20
CA CYS A 78 -6.01 2.39 -8.91
C CYS A 78 -5.01 2.13 -10.04
N ALA A 79 -4.44 0.92 -10.08
CA ALA A 79 -3.40 0.63 -11.10
C ALA A 79 -3.99 0.42 -12.48
N TYR A 80 -5.21 -0.09 -12.59
CA TYR A 80 -5.83 -0.42 -13.91
C TYR A 80 -7.23 0.17 -13.90
N PRO A 81 -7.36 1.51 -14.05
CA PRO A 81 -8.63 2.21 -13.92
C PRO A 81 -9.43 2.17 -15.22
N GLU A 82 -10.00 0.98 -15.45
CA GLU A 82 -10.82 0.68 -16.65
C GLU A 82 -11.87 -0.34 -16.25
N ALA A 83 -12.85 -0.49 -17.14
CA ALA A 83 -13.94 -1.47 -16.98
C ALA A 83 -14.61 -1.24 -15.63
N GLU A 84 -14.69 -2.21 -14.71
CA GLU A 84 -15.36 -1.94 -13.41
C GLU A 84 -14.61 -0.90 -12.58
N GLN A 85 -13.33 -0.70 -12.90
CA GLN A 85 -12.50 0.33 -12.22
C GLN A 85 -12.49 1.63 -13.02
N GLY A 86 -13.32 1.78 -14.03
CA GLY A 86 -13.36 2.98 -14.90
C GLY A 86 -14.29 4.05 -14.40
N MET A 87 -14.47 5.06 -15.24
CA MET A 87 -15.43 6.16 -15.07
C MET A 87 -15.14 7.02 -13.87
N ASN A 88 -13.86 7.13 -13.52
CA ASN A 88 -13.37 7.94 -12.37
C ASN A 88 -13.89 7.27 -11.09
N ILE A 89 -13.32 6.12 -10.78
CA ILE A 89 -13.80 5.29 -9.66
C ILE A 89 -13.80 6.05 -8.35
N ALA A 90 -12.93 7.02 -8.14
CA ALA A 90 -12.99 7.89 -6.92
C ALA A 90 -14.40 8.48 -6.77
N ARG A 91 -14.93 9.06 -7.84
CA ARG A 91 -16.24 9.75 -7.79
C ARG A 91 -17.35 8.70 -7.76
N ILE A 92 -17.26 7.62 -8.51
CA ILE A 92 -18.28 6.56 -8.43
C ILE A 92 -18.37 6.04 -7.01
N ALA A 93 -17.22 5.69 -6.43
CA ALA A 93 -17.18 5.16 -5.06
C ALA A 93 -17.77 6.18 -4.07
N SER A 94 -17.46 7.45 -4.22
CA SER A 94 -17.96 8.53 -3.34
C SER A 94 -19.49 8.54 -3.42
N PHE A 95 -20.04 8.53 -4.62
CA PHE A 95 -21.53 8.53 -4.76
C PHE A 95 -22.08 7.24 -4.18
N ARG A 96 -21.46 6.09 -4.42
CA ARG A 96 -21.98 4.80 -3.91
C ARG A 96 -21.93 4.79 -2.40
N ALA A 97 -21.03 5.51 -1.76
CA ALA A 97 -20.90 5.61 -0.29
C ALA A 97 -21.97 6.57 0.26
N GLY A 98 -22.72 7.24 -0.59
CA GLY A 98 -23.74 8.21 -0.17
C GLY A 98 -23.15 9.53 0.24
N PHE A 99 -21.93 9.83 -0.23
CA PHE A 99 -21.31 11.10 0.11
C PHE A 99 -21.93 12.22 -0.72
N PRO A 100 -21.93 13.44 -0.19
CA PRO A 100 -22.55 14.55 -0.92
C PRO A 100 -21.84 14.88 -2.23
N GLN A 101 -22.60 15.47 -3.14
CA GLN A 101 -22.07 15.85 -4.47
C GLN A 101 -21.03 16.95 -4.34
N SER A 102 -20.96 17.67 -3.23
CA SER A 102 -20.03 18.82 -3.07
C SER A 102 -18.54 18.38 -3.05
N LEU A 103 -18.26 17.12 -2.73
CA LEU A 103 -16.88 16.59 -2.73
C LEU A 103 -16.33 16.57 -4.17
N GLY A 104 -15.03 16.75 -4.33
CA GLY A 104 -14.38 16.30 -5.57
C GLY A 104 -14.05 14.83 -5.53
N GLY A 105 -13.71 14.26 -6.70
CA GLY A 105 -13.10 12.94 -6.78
C GLY A 105 -12.22 12.82 -7.98
N ALA A 106 -11.05 12.22 -7.78
CA ALA A 106 -10.10 11.98 -8.88
C ALA A 106 -9.41 10.65 -8.65
N THR A 107 -9.11 10.00 -9.77
CA THR A 107 -8.44 8.68 -9.76
C THR A 107 -6.98 8.83 -10.21
N LEU A 108 -6.06 8.17 -9.48
CA LEU A 108 -4.63 8.36 -9.70
C LEU A 108 -3.96 6.99 -9.90
N ASN A 109 -3.21 6.87 -11.00
CA ASN A 109 -2.46 5.65 -11.33
C ASN A 109 -0.97 5.92 -11.29
N ARG A 110 -0.31 5.38 -10.25
CA ARG A 110 1.17 5.17 -10.24
C ARG A 110 1.40 3.71 -9.85
N PHE A 111 0.71 2.83 -10.57
CA PHE A 111 0.66 1.38 -10.32
C PHE A 111 0.62 1.07 -8.83
N SER A 112 1.55 0.27 -8.30
CA SER A 112 1.50 -0.13 -6.86
CA SER A 112 1.49 -0.12 -6.87
C SER A 112 1.62 1.07 -5.93
N GLY A 113 2.15 2.20 -6.40
CA GLY A 113 2.29 3.34 -5.49
C GLY A 113 1.13 4.29 -5.57
N SER A 114 0.06 3.98 -6.31
CA SER A 114 -1.03 4.91 -6.64
C SER A 114 -1.54 5.58 -5.39
N SER A 115 -1.95 4.80 -4.38
CA SER A 115 -2.63 5.43 -3.22
C SER A 115 -1.63 6.06 -2.26
N MET A 116 -0.33 5.77 -2.37
CA MET A 116 0.62 6.61 -1.64
C MET A 116 0.71 7.95 -2.37
N SER A 117 0.79 8.00 -3.69
CA SER A 117 0.75 9.29 -4.40
C SER A 117 -0.56 10.02 -4.08
N ALA A 118 -1.66 9.34 -3.80
CA ALA A 118 -2.92 10.02 -3.39
C ALA A 118 -2.66 10.75 -2.08
N VAL A 119 -1.97 10.10 -1.15
CA VAL A 119 -1.59 10.82 0.11
C VAL A 119 -0.74 12.04 -0.20
N HIS A 120 0.26 11.90 -1.05
CA HIS A 120 1.13 13.03 -1.40
C HIS A 120 0.31 14.16 -2.03
N TYR A 121 -0.61 13.83 -2.91
CA TYR A 121 -1.50 14.83 -3.55
C TYR A 121 -2.24 15.59 -2.45
N ALA A 122 -2.94 14.88 -1.59
CA ALA A 122 -3.77 15.47 -0.53
C ALA A 122 -2.90 16.32 0.36
N ALA A 123 -1.76 15.83 0.77
CA ALA A 123 -0.88 16.60 1.69
C ALA A 123 -0.53 17.92 1.05
N GLY A 124 -0.24 17.95 -0.24
CA GLY A 124 0.09 19.18 -0.95
C GLY A 124 -1.09 20.13 -0.97
N GLN A 125 -2.32 19.64 -1.14
CA GLN A 125 -3.50 20.53 -1.20
C GLN A 125 -3.70 21.12 0.19
N VAL A 126 -3.48 20.35 1.24
CA VAL A 126 -3.60 20.89 2.64
C VAL A 126 -2.59 22.02 2.77
N LEU A 127 -1.35 21.84 2.35
CA LEU A 127 -0.30 22.88 2.50
C LEU A 127 -0.68 24.12 1.70
N LEU A 128 -1.26 23.98 0.51
CA LEU A 128 -1.72 25.08 -0.39
C LEU A 128 -2.91 25.85 0.22
N GLY A 129 -3.51 25.36 1.30
CA GLY A 129 -4.78 25.91 1.84
C GLY A 129 -5.95 25.68 0.91
N ALA A 130 -5.88 24.62 0.09
CA ALA A 130 -6.91 24.29 -0.90
C ALA A 130 -7.81 23.21 -0.32
N GLY A 131 -8.41 23.51 0.82
CA GLY A 131 -9.19 22.53 1.58
C GLY A 131 -8.40 22.03 2.78
N GLU A 132 -9.14 21.49 3.74
CA GLU A 132 -8.60 21.10 5.05
C GLU A 132 -8.67 19.60 5.29
N ALA A 133 -9.45 18.85 4.50
CA ALA A 133 -9.70 17.44 4.83
C ALA A 133 -9.92 16.69 3.54
N PHE A 134 -9.26 15.54 3.43
CA PHE A 134 -9.25 14.76 2.18
C PHE A 134 -9.32 13.30 2.53
N ILE A 135 -9.89 12.50 1.65
CA ILE A 135 -9.62 11.04 1.70
C ILE A 135 -8.62 10.72 0.62
N ALA A 136 -7.55 10.02 1.04
CA ALA A 136 -6.54 9.47 0.13
C ALA A 136 -6.74 7.96 0.23
N ALA A 137 -7.21 7.30 -0.83
CA ALA A 137 -7.63 5.89 -0.80
C ALA A 137 -7.11 5.19 -2.01
N GLY A 138 -7.28 3.87 -2.00
CA GLY A 138 -7.04 3.08 -3.22
C GLY A 138 -7.84 1.83 -3.24
N VAL A 139 -7.93 1.25 -4.40
CA VAL A 139 -8.66 -0.01 -4.60
C VAL A 139 -8.01 -0.79 -5.71
N GLU A 140 -7.99 -2.10 -5.57
CA GLU A 140 -7.81 -2.99 -6.71
C GLU A 140 -8.68 -4.22 -6.48
N SER A 141 -9.42 -4.59 -7.52
CA SER A 141 -10.04 -5.93 -7.62
C SER A 141 -9.26 -6.65 -8.70
N MET A 142 -8.21 -7.33 -8.28
CA MET A 142 -7.38 -8.09 -9.25
C MET A 142 -8.16 -9.31 -9.74
N THR A 143 -9.25 -9.65 -9.07
CA THR A 143 -10.21 -10.63 -9.65
C THR A 143 -10.88 -10.02 -10.89
N ARG A 144 -11.50 -8.87 -10.74
CA ARG A 144 -12.50 -8.36 -11.69
C ARG A 144 -11.88 -7.44 -12.72
N VAL A 145 -10.72 -6.83 -12.45
CA VAL A 145 -9.89 -6.18 -13.49
C VAL A 145 -8.52 -6.81 -13.41
N PRO A 146 -8.27 -7.86 -14.16
CA PRO A 146 -7.00 -8.51 -14.06
C PRO A 146 -5.83 -7.55 -14.32
N MET A 147 -4.77 -7.75 -13.55
CA MET A 147 -3.52 -6.98 -13.71
C MET A 147 -3.16 -6.90 -15.18
N GLY A 148 -2.88 -5.70 -15.66
CA GLY A 148 -2.57 -5.48 -17.09
C GLY A 148 -3.70 -4.80 -17.86
N GLY A 149 -4.93 -4.95 -17.42
CA GLY A 149 -6.11 -4.40 -18.12
C GLY A 149 -6.52 -5.22 -19.32
N PHE A 150 -7.43 -4.65 -20.10
CA PHE A 150 -7.99 -5.26 -21.33
C PHE A 150 -7.36 -4.52 -22.51
N ASN A 151 -7.33 -5.14 -23.69
CA ASN A 151 -6.83 -4.40 -24.88
C ASN A 151 -5.41 -3.82 -24.66
N LEU A 152 -4.47 -4.61 -24.15
CA LEU A 152 -3.08 -4.18 -23.88
C LEU A 152 -2.46 -3.70 -25.19
N SER A 153 -1.81 -2.55 -25.18
CA SER A 153 -1.24 -1.96 -26.42
C SER A 153 0.07 -1.29 -26.10
N PRO A 154 1.14 -2.08 -25.93
CA PRO A 154 2.45 -1.50 -25.68
C PRO A 154 2.89 -0.62 -26.86
N ASN A 155 3.66 0.40 -26.53
CA ASN A 155 4.27 1.31 -27.53
C ASN A 155 5.21 0.50 -28.42
N PRO A 156 4.98 0.45 -29.75
CA PRO A 156 5.83 -0.40 -30.61
C PRO A 156 7.29 0.06 -30.67
N ALA A 157 7.55 1.37 -30.65
CA ALA A 157 8.93 1.89 -30.64
C ALA A 157 9.64 1.52 -29.34
N LEU A 158 9.00 1.64 -28.17
CA LEU A 158 9.70 1.31 -26.91
C LEU A 158 9.87 -0.18 -26.88
N LEU A 159 8.89 -0.94 -27.33
CA LEU A 159 8.99 -2.43 -27.28
C LEU A 159 10.25 -2.85 -28.07
N GLN A 160 10.55 -2.16 -29.17
CA GLN A 160 11.71 -2.47 -30.05
C GLN A 160 13.00 -1.94 -29.43
N ASP A 161 13.02 -0.68 -29.01
CA ASP A 161 14.26 0.04 -28.63
C ASP A 161 14.52 -0.03 -27.12
N TYR A 162 13.50 -0.24 -26.28
CA TYR A 162 13.67 -0.17 -24.82
C TYR A 162 12.77 -1.22 -24.19
N PRO A 163 12.92 -2.51 -24.54
CA PRO A 163 12.00 -3.54 -24.06
C PRO A 163 11.87 -3.67 -22.53
N ALA A 164 12.87 -3.20 -21.76
CA ALA A 164 12.82 -3.28 -20.28
C ALA A 164 11.66 -2.47 -19.73
N VAL A 165 11.16 -1.48 -20.49
CA VAL A 165 9.97 -0.72 -20.02
C VAL A 165 8.84 -1.69 -19.72
N TYR A 166 8.68 -2.75 -20.53
CA TYR A 166 7.56 -3.70 -20.47
C TYR A 166 8.01 -5.02 -19.85
N MET A 167 9.14 -5.04 -19.17
CA MET A 167 9.63 -6.30 -18.51
C MET A 167 8.61 -6.81 -17.50
N SER A 168 8.47 -8.12 -17.39
CA SER A 168 7.53 -8.68 -16.42
C SER A 168 8.01 -8.36 -15.01
N MET A 169 7.07 -8.30 -14.07
CA MET A 169 7.52 -8.00 -12.70
C MET A 169 8.42 -9.15 -12.18
N GLY A 170 8.07 -10.39 -12.48
CA GLY A 170 8.88 -11.56 -12.05
C GLY A 170 10.30 -11.51 -12.55
N GLN A 171 10.49 -11.10 -13.81
CA GLN A 171 11.87 -10.98 -14.33
C GLN A 171 12.62 -9.92 -13.58
N THR A 172 11.96 -8.80 -13.25
CA THR A 172 12.64 -7.75 -12.45
C THR A 172 13.03 -8.29 -11.08
N ALA A 173 12.19 -9.17 -10.49
CA ALA A 173 12.49 -9.79 -9.18
C ALA A 173 13.70 -10.72 -9.26
N GLU A 174 13.78 -11.47 -10.35
CA GLU A 174 14.98 -12.32 -10.60
C GLU A 174 16.21 -11.45 -10.81
N ASN A 175 16.07 -10.34 -11.54
CA ASN A 175 17.23 -9.46 -11.79
C ASN A 175 17.72 -8.94 -10.44
N VAL A 176 16.83 -8.57 -9.52
CA VAL A 176 17.28 -8.08 -8.20
C VAL A 176 17.93 -9.23 -7.42
N ALA A 177 17.31 -10.40 -7.42
CA ALA A 177 17.85 -11.56 -6.69
C ALA A 177 19.29 -11.82 -7.15
N GLU A 178 19.52 -11.81 -8.45
CA GLU A 178 20.87 -12.07 -9.01
C GLU A 178 21.80 -10.93 -8.63
N ARG A 179 21.42 -9.70 -8.94
CA ARG A 179 22.39 -8.62 -8.92
C ARG A 179 22.64 -8.19 -7.48
N TYR A 180 21.67 -8.33 -6.58
CA TYR A 180 21.79 -7.95 -5.16
C TYR A 180 22.06 -9.17 -4.26
N ALA A 181 22.23 -10.32 -4.85
CA ALA A 181 22.65 -11.55 -4.12
C ALA A 181 21.68 -11.91 -3.02
N VAL A 182 20.42 -12.11 -3.41
CA VAL A 182 19.38 -12.53 -2.45
C VAL A 182 18.98 -13.93 -2.84
N SER A 183 19.49 -14.93 -2.07
CA SER A 183 19.26 -16.33 -2.39
C SER A 183 17.80 -16.71 -2.21
N ARG A 184 17.43 -17.82 -2.83
CA ARG A 184 16.10 -18.38 -2.63
C ARG A 184 15.86 -18.58 -1.13
N VAL A 185 16.77 -19.19 -0.41
CA VAL A 185 16.53 -19.44 1.04
C VAL A 185 16.35 -18.12 1.80
N GLU A 186 17.10 -17.06 1.50
CA GLU A 186 16.92 -15.74 2.16
C GLU A 186 15.52 -15.20 1.83
N GLN A 187 15.08 -15.37 0.60
CA GLN A 187 13.72 -14.93 0.22
C GLN A 187 12.67 -15.69 1.05
N GLU A 188 12.85 -17.01 1.18
CA GLU A 188 11.91 -17.89 1.91
C GLU A 188 11.90 -17.53 3.39
N GLU A 189 13.03 -17.16 3.97
CA GLU A 189 13.13 -16.72 5.39
C GLU A 189 12.26 -15.48 5.58
N MET A 190 12.23 -14.57 4.59
CA MET A 190 11.35 -13.39 4.72
C MET A 190 9.89 -13.83 4.64
N ALA A 191 9.53 -14.75 3.77
CA ALA A 191 8.15 -15.25 3.76
C ALA A 191 7.76 -15.87 5.11
N VAL A 192 8.63 -16.68 5.69
CA VAL A 192 8.32 -17.26 7.02
C VAL A 192 8.06 -16.14 8.01
N ARG A 193 8.93 -15.14 8.09
CA ARG A 193 8.81 -14.06 9.09
C ARG A 193 7.57 -13.21 8.79
N SER A 194 7.25 -12.94 7.52
CA SER A 194 6.10 -12.07 7.17
C SER A 194 4.82 -12.73 7.68
N HIS A 195 4.64 -14.01 7.37
CA HIS A 195 3.46 -14.77 7.83
C HIS A 195 3.46 -14.88 9.35
N ALA A 196 4.61 -15.14 9.99
CA ALA A 196 4.58 -15.28 11.46
C ALA A 196 4.17 -13.97 12.12
N LYS A 197 4.62 -12.85 11.59
CA LYS A 197 4.29 -11.54 12.18
C LYS A 197 2.84 -11.22 11.93
N ALA A 198 2.31 -11.59 10.77
CA ALA A 198 0.92 -11.33 10.42
C ALA A 198 0.02 -12.16 11.35
N VAL A 199 0.40 -13.42 11.57
CA VAL A 199 -0.39 -14.31 12.46
C VAL A 199 -0.33 -13.74 13.87
N ALA A 200 0.85 -13.36 14.34
CA ALA A 200 0.97 -12.86 15.72
C ALA A 200 0.07 -11.63 15.89
N ALA A 201 0.06 -10.74 14.92
CA ALA A 201 -0.71 -9.50 14.98
C ALA A 201 -2.20 -9.86 14.93
N ARG A 202 -2.60 -10.71 14.02
CA ARG A 202 -4.00 -11.06 13.85
C ARG A 202 -4.52 -11.71 15.14
N GLU A 203 -3.74 -12.63 15.69
CA GLU A 203 -4.20 -13.38 16.90
C GLU A 203 -4.25 -12.49 18.12
N ALA A 204 -3.50 -11.39 18.18
CA ALA A 204 -3.53 -10.43 19.28
C ALA A 204 -4.66 -9.39 19.07
N GLY A 205 -5.43 -9.49 18.01
CA GLY A 205 -6.46 -8.49 17.70
C GLY A 205 -5.92 -7.19 17.12
N LEU A 206 -4.66 -7.19 16.69
CA LEU A 206 -3.96 -5.93 16.27
C LEU A 206 -4.25 -5.56 14.81
N LEU A 207 -4.93 -6.40 14.06
CA LEU A 207 -5.39 -6.04 12.71
C LEU A 207 -6.87 -5.65 12.71
N ARG A 208 -7.59 -5.80 13.83
CA ARG A 208 -9.06 -5.62 13.80
C ARG A 208 -9.51 -4.16 13.63
N GLU A 209 -8.87 -3.25 14.33
CA GLU A 209 -9.37 -1.86 14.37
C GLU A 209 -9.21 -1.19 13.00
N GLU A 210 -8.22 -1.60 12.22
CA GLU A 210 -8.04 -0.98 10.89
C GLU A 210 -9.04 -1.54 9.88
N ILE A 211 -9.74 -2.63 10.16
CA ILE A 211 -10.58 -3.32 9.16
C ILE A 211 -12.03 -2.85 9.22
N VAL A 212 -12.60 -2.61 8.04
CA VAL A 212 -14.05 -2.47 7.77
C VAL A 212 -14.54 -3.78 7.21
N ALA A 213 -15.46 -4.45 7.92
CA ALA A 213 -16.01 -5.70 7.40
C ALA A 213 -16.83 -5.40 6.17
N ILE A 214 -16.86 -6.36 5.26
CA ILE A 214 -17.55 -6.24 3.95
C ILE A 214 -18.66 -7.28 3.87
N ASP A 215 -19.85 -6.86 3.44
CA ASP A 215 -20.98 -7.78 3.21
C ASP A 215 -20.82 -8.41 1.83
N THR A 216 -20.99 -9.72 1.75
CA THR A 216 -20.87 -10.48 0.49
C THR A 216 -22.03 -11.44 0.41
N PRO A 217 -22.29 -11.99 -0.79
CA PRO A 217 -23.32 -13.02 -0.94
C PRO A 217 -23.13 -14.17 0.05
N ALA A 218 -21.90 -14.58 0.33
CA ALA A 218 -21.62 -15.71 1.24
C ALA A 218 -21.65 -15.25 2.70
N GLY A 219 -21.77 -13.95 2.96
CA GLY A 219 -21.82 -13.44 4.34
C GLY A 219 -20.78 -12.38 4.59
N ARG A 220 -20.64 -12.02 5.85
CA ARG A 220 -19.82 -10.87 6.28
C ARG A 220 -18.36 -11.32 6.33
N VAL A 221 -17.48 -10.60 5.64
CA VAL A 221 -16.01 -10.86 5.61
C VAL A 221 -15.30 -9.84 6.50
N ALA A 222 -14.64 -10.26 7.58
CA ALA A 222 -13.98 -9.37 8.57
C ALA A 222 -12.50 -9.67 8.70
N GLU A 223 -12.06 -10.84 8.23
CA GLU A 223 -10.67 -11.30 8.46
C GLU A 223 -9.94 -11.36 7.12
N ASP A 224 -8.68 -11.00 7.17
CA ASP A 224 -7.73 -11.14 6.06
C ASP A 224 -7.69 -12.60 5.62
N GLY A 225 -7.48 -12.82 4.36
CA GLY A 225 -7.51 -14.16 3.77
C GLY A 225 -6.19 -14.66 3.25
N CYS A 226 -5.14 -13.87 3.15
CA CYS A 226 -3.90 -14.31 2.44
C CYS A 226 -2.86 -14.84 3.43
N ILE A 227 -3.11 -14.75 4.73
CA ILE A 227 -2.13 -15.18 5.76
C ILE A 227 -2.09 -16.70 5.76
N ARG A 228 -0.91 -17.30 5.84
CA ARG A 228 -0.78 -18.79 5.78
C ARG A 228 -0.02 -19.20 7.04
N PRO A 229 -0.74 -19.39 8.16
CA PRO A 229 -0.07 -19.71 9.42
C PRO A 229 0.75 -21.00 9.30
N GLY A 230 1.93 -20.98 9.88
CA GLY A 230 2.84 -22.12 9.85
C GLY A 230 3.66 -22.20 8.58
N THR A 231 3.60 -21.18 7.73
CA THR A 231 4.58 -21.05 6.63
C THR A 231 5.95 -21.41 7.19
N ASN A 232 6.69 -22.27 6.49
CA ASN A 232 7.97 -22.82 7.02
C ASN A 232 8.95 -23.14 5.91
N LEU A 233 10.23 -23.11 6.23
CA LEU A 233 11.29 -23.27 5.19
C LEU A 233 11.15 -24.59 4.44
N GLU A 234 10.82 -25.70 5.12
CA GLU A 234 10.76 -27.03 4.44
C GLU A 234 9.67 -27.04 3.38
N SER A 235 8.49 -26.51 3.67
CA SER A 235 7.35 -26.50 2.75
C SER A 235 7.72 -25.54 1.60
N LEU A 236 8.34 -24.42 1.93
CA LEU A 236 8.60 -23.41 0.88
C LEU A 236 9.62 -23.93 -0.12
N ALA A 237 10.58 -24.72 0.36
CA ALA A 237 11.64 -25.27 -0.50
C ALA A 237 11.06 -26.24 -1.51
N GLN A 238 9.87 -26.80 -1.29
CA GLN A 238 9.24 -27.75 -2.24
C GLN A 238 8.61 -27.05 -3.43
N LEU A 239 8.35 -25.72 -3.35
CA LEU A 239 7.60 -25.00 -4.39
C LEU A 239 8.43 -24.88 -5.67
N LYS A 240 7.71 -24.77 -6.77
CA LYS A 240 8.32 -24.61 -8.10
C LYS A 240 8.73 -23.16 -8.27
N PRO A 241 9.83 -22.91 -9.00
CA PRO A 241 10.16 -21.54 -9.39
C PRO A 241 9.00 -20.96 -10.21
N ALA A 242 8.66 -19.68 -9.98
CA ALA A 242 7.54 -19.01 -10.67
C ALA A 242 8.02 -18.33 -11.96
N PHE A 243 9.30 -17.97 -12.02
CA PHE A 243 9.84 -17.13 -13.12
C PHE A 243 11.17 -17.66 -13.63
N GLY A 244 11.36 -18.97 -13.63
CA GLY A 244 12.57 -19.59 -14.17
C GLY A 244 13.83 -19.32 -13.36
N GLY A 245 13.72 -19.00 -12.07
CA GLY A 245 14.89 -18.70 -11.25
C GLY A 245 14.64 -19.03 -9.77
N SER A 246 14.88 -18.07 -8.90
CA SER A 246 14.83 -18.24 -7.43
C SER A 246 13.45 -17.94 -6.84
N VAL A 247 12.68 -17.06 -7.48
CA VAL A 247 11.42 -16.55 -6.89
C VAL A 247 10.36 -17.63 -7.01
N THR A 248 9.47 -17.69 -6.03
CA THR A 248 8.31 -18.60 -6.07
C THR A 248 7.04 -17.83 -5.76
N ALA A 249 5.89 -18.51 -5.85
CA ALA A 249 4.62 -17.89 -5.43
C ALA A 249 4.71 -17.41 -3.98
N ALA A 250 5.42 -18.10 -3.12
CA ALA A 250 5.44 -17.80 -1.68
C ALA A 250 6.30 -16.57 -1.41
N THR A 251 7.20 -16.21 -2.34
CA THR A 251 8.12 -15.08 -2.12
C THR A 251 7.75 -13.93 -3.07
N SER A 252 6.54 -13.97 -3.56
CA SER A 252 5.90 -12.92 -4.40
C SER A 252 4.64 -12.48 -3.68
N SER A 253 4.28 -11.20 -3.81
CA SER A 253 2.95 -10.78 -3.34
C SER A 253 1.90 -11.52 -4.18
N PRO A 254 0.79 -11.95 -3.56
CA PRO A 254 -0.25 -12.61 -4.34
C PRO A 254 -1.14 -11.64 -5.11
N LEU A 255 -1.88 -12.12 -6.09
CA LEU A 255 -2.94 -11.33 -6.72
C LEU A 255 -4.06 -11.19 -5.68
N THR A 256 -4.52 -9.96 -5.44
CA THR A 256 -5.31 -9.63 -4.23
C THR A 256 -6.45 -8.65 -4.57
N ASP A 257 -7.56 -8.76 -3.84
CA ASP A 257 -8.68 -7.80 -3.84
C ASP A 257 -8.64 -7.05 -2.51
N GLY A 258 -8.84 -5.72 -2.55
CA GLY A 258 -8.90 -4.94 -1.33
C GLY A 258 -8.99 -3.46 -1.61
N SER A 259 -9.35 -2.71 -0.58
CA SER A 259 -9.36 -1.24 -0.64
C SER A 259 -8.90 -0.71 0.70
N ALA A 260 -8.28 0.46 0.70
CA ALA A 260 -7.81 1.12 1.93
C ALA A 260 -8.03 2.62 1.77
N ALA A 261 -8.27 3.31 2.86
CA ALA A 261 -8.58 4.75 2.85
C ALA A 261 -8.02 5.44 4.07
N LEU A 262 -7.40 6.61 3.91
CA LEU A 262 -6.86 7.46 4.97
C LEU A 262 -7.59 8.79 4.95
N LEU A 263 -7.74 9.36 6.15
CA LEU A 263 -8.12 10.79 6.29
C LEU A 263 -6.84 11.60 6.40
N VAL A 264 -6.54 12.44 5.41
CA VAL A 264 -5.40 13.34 5.39
C VAL A 264 -5.96 14.74 5.59
N CYS A 265 -5.52 15.45 6.62
CA CYS A 265 -6.19 16.72 6.94
C CYS A 265 -5.19 17.64 7.66
N SER A 266 -5.57 18.89 7.85
CA SER A 266 -4.74 19.78 8.70
C SER A 266 -4.83 19.27 10.14
N GLU A 267 -3.79 19.56 10.88
CA GLU A 267 -3.81 19.27 12.33
C GLU A 267 -4.96 20.04 12.98
N ASP A 268 -5.19 21.29 12.59
CA ASP A 268 -6.31 22.09 13.17
C ASP A 268 -7.65 21.39 12.93
N PHE A 269 -7.86 20.86 11.73
CA PHE A 269 -9.12 20.16 11.42
C PHE A 269 -9.29 18.95 12.33
N ALA A 270 -8.21 18.16 12.48
CA ALA A 270 -8.31 16.95 13.28
C ALA A 270 -8.68 17.31 14.74
N ARG A 271 -8.00 18.32 15.25
CA ARG A 271 -8.21 18.73 16.67
C ARG A 271 -9.65 19.24 16.84
N ARG A 272 -10.12 20.05 15.91
CA ARG A 272 -11.49 20.63 16.00
C ARG A 272 -12.54 19.52 15.98
N HIS A 273 -12.34 18.40 15.28
CA HIS A 273 -13.33 17.31 15.15
C HIS A 273 -13.03 16.16 16.12
N GLY A 274 -12.12 16.39 17.06
CA GLY A 274 -11.77 15.45 18.13
C GLY A 274 -11.17 14.17 17.61
N LEU A 275 -10.48 14.21 16.46
CA LEU A 275 -9.97 12.96 15.85
C LEU A 275 -8.63 12.63 16.48
N VAL A 276 -8.45 11.36 16.78
CA VAL A 276 -7.14 10.83 17.16
C VAL A 276 -6.18 10.98 15.96
N ILE A 277 -5.08 11.65 16.18
CA ILE A 277 -4.02 11.83 15.16
C ILE A 277 -3.07 10.66 15.20
N LEU A 278 -2.97 9.91 14.09
CA LEU A 278 -2.08 8.76 14.06
C LEU A 278 -0.65 9.26 13.89
N ALA A 279 -0.36 10.16 12.94
CA ALA A 279 0.99 10.69 12.71
C ALA A 279 0.88 11.99 11.91
N ARG A 280 1.95 12.78 11.91
CA ARG A 280 2.15 13.94 11.04
C ARG A 280 2.97 13.47 9.82
N ILE A 281 2.59 13.97 8.65
CA ILE A 281 3.39 13.76 7.42
C ILE A 281 4.52 14.79 7.44
N LYS A 282 5.74 14.31 7.54
CA LYS A 282 6.92 15.18 7.63
C LYS A 282 7.60 15.36 6.27
N ALA A 283 7.66 14.32 5.41
CA ALA A 283 8.31 14.45 4.10
C ALA A 283 7.69 13.43 3.16
N VAL A 284 7.72 13.72 1.88
CA VAL A 284 7.20 12.79 0.84
C VAL A 284 8.20 12.78 -0.28
N ALA A 285 8.18 11.74 -1.09
CA ALA A 285 9.05 11.65 -2.29
C ALA A 285 8.55 10.61 -3.28
N VAL A 286 8.92 10.86 -4.54
CA VAL A 286 8.96 9.85 -5.60
C VAL A 286 10.39 9.83 -6.12
N ALA A 287 10.83 8.73 -6.71
CA ALA A 287 12.10 8.66 -7.42
C ALA A 287 11.98 7.59 -8.49
N GLY A 288 12.60 7.84 -9.61
CA GLY A 288 12.68 6.87 -10.71
C GLY A 288 13.92 6.00 -10.56
N CYS A 289 13.86 4.85 -11.19
CA CYS A 289 14.98 3.91 -11.27
C CYS A 289 14.86 3.10 -12.54
N ALA A 290 15.83 2.21 -12.75
CA ALA A 290 15.81 1.37 -13.95
C ALA A 290 14.60 0.45 -13.91
N PRO A 291 13.78 0.34 -14.98
CA PRO A 291 12.63 -0.53 -14.96
C PRO A 291 13.03 -2.00 -14.75
N GLU A 292 14.19 -2.39 -15.27
CA GLU A 292 14.58 -3.82 -15.20
C GLU A 292 14.86 -4.23 -13.77
N ILE A 293 15.08 -3.30 -12.85
CA ILE A 293 15.22 -3.60 -11.42
C ILE A 293 14.26 -2.69 -10.62
N MET A 294 13.02 -2.58 -11.06
CA MET A 294 12.05 -1.63 -10.47
C MET A 294 11.88 -1.85 -8.97
N GLY A 295 12.15 -3.08 -8.48
CA GLY A 295 12.01 -3.38 -7.04
C GLY A 295 12.94 -2.56 -6.17
N MET A 296 13.97 -1.91 -6.76
CA MET A 296 14.89 -1.10 -5.95
C MET A 296 14.39 0.31 -5.81
N GLY A 297 13.22 0.67 -6.31
CA GLY A 297 12.66 2.01 -6.21
C GLY A 297 12.73 2.58 -4.80
N PRO A 298 12.43 1.82 -3.73
CA PRO A 298 12.41 2.37 -2.38
C PRO A 298 13.73 3.00 -1.92
N VAL A 299 14.88 2.58 -2.47
CA VAL A 299 16.17 3.10 -1.95
C VAL A 299 16.23 4.60 -2.15
N GLN A 300 16.09 5.08 -3.37
CA GLN A 300 16.26 6.53 -3.64
C GLN A 300 15.06 7.29 -3.07
N ALA A 301 13.85 6.73 -3.10
CA ALA A 301 12.70 7.45 -2.54
C ALA A 301 12.88 7.62 -1.03
N THR A 302 13.44 6.61 -0.35
CA THR A 302 13.69 6.70 1.12
C THR A 302 14.82 7.69 1.40
N ARG A 303 15.87 7.66 0.61
CA ARG A 303 16.98 8.63 0.82
C ARG A 303 16.44 10.04 0.64
N LYS A 304 15.49 10.27 -0.26
CA LYS A 304 14.96 11.62 -0.46
C LYS A 304 14.16 12.05 0.76
N VAL A 305 13.27 11.24 1.30
CA VAL A 305 12.49 11.71 2.48
C VAL A 305 13.45 11.94 3.65
N LEU A 306 14.44 11.09 3.81
CA LEU A 306 15.42 11.29 4.90
C LEU A 306 16.09 12.65 4.71
N GLN A 307 16.57 12.94 3.52
CA GLN A 307 17.28 14.22 3.26
C GLN A 307 16.33 15.37 3.57
N ARG A 308 15.10 15.30 3.09
CA ARG A 308 14.10 16.38 3.20
C ARG A 308 13.72 16.60 4.67
N ALA A 309 13.76 15.55 5.48
CA ALA A 309 13.36 15.59 6.91
C ALA A 309 14.57 15.95 7.79
N GLY A 310 15.79 15.97 7.24
CA GLY A 310 17.01 16.17 8.04
C GLY A 310 17.29 15.02 8.96
N LEU A 311 17.00 13.79 8.53
CA LEU A 311 17.16 12.55 9.33
C LEU A 311 18.06 11.55 8.64
N GLY A 312 18.52 10.57 9.42
CA GLY A 312 19.25 9.41 8.91
C GLY A 312 18.46 8.14 9.18
N ILE A 313 18.84 7.07 8.52
CA ILE A 313 18.12 5.78 8.67
C ILE A 313 18.08 5.35 10.13
N ALA A 314 19.13 5.67 10.91
CA ALA A 314 19.20 5.25 12.32
C ALA A 314 18.13 5.98 13.17
N ASP A 315 17.49 7.03 12.65
CA ASP A 315 16.46 7.81 13.35
C ASP A 315 15.06 7.19 13.19
N ILE A 316 14.93 6.18 12.31
CA ILE A 316 13.60 5.64 11.92
C ILE A 316 13.23 4.45 12.82
N ASP A 317 12.16 4.60 13.58
CA ASP A 317 11.69 3.56 14.52
C ASP A 317 11.18 2.32 13.79
N LEU A 318 10.43 2.52 12.71
CA LEU A 318 9.80 1.36 12.04
C LEU A 318 9.59 1.77 10.59
N VAL A 319 9.57 0.73 9.76
CA VAL A 319 9.36 0.92 8.30
C VAL A 319 8.31 -0.07 7.85
N GLU A 320 7.40 0.43 7.02
CA GLU A 320 6.54 -0.40 6.16
C GLU A 320 7.14 -0.33 4.75
N ILE A 321 7.83 -1.36 4.34
CA ILE A 321 8.38 -1.47 2.96
C ILE A 321 7.57 -2.57 2.29
N ASN A 322 6.85 -2.22 1.25
CA ASN A 322 5.93 -3.22 0.68
C ASN A 322 6.70 -4.42 0.19
N GLU A 323 6.19 -5.61 0.46
CA GLU A 323 6.82 -6.89 0.03
C GLU A 323 6.26 -7.28 -1.31
N ALA A 324 6.58 -6.53 -2.36
CA ALA A 324 6.19 -6.91 -3.72
C ALA A 324 6.82 -8.28 -3.99
N PHE A 325 8.10 -8.40 -3.78
CA PHE A 325 8.84 -9.69 -3.81
C PHE A 325 9.81 -9.68 -2.66
N ALA A 326 10.09 -10.84 -2.06
CA ALA A 326 11.13 -10.90 -1.04
C ALA A 326 12.44 -10.41 -1.62
N SER A 327 12.79 -10.79 -2.83
CA SER A 327 14.12 -10.43 -3.37
C SER A 327 14.31 -8.92 -3.24
N GLN A 328 13.36 -8.12 -3.73
CA GLN A 328 13.53 -6.65 -3.76
C GLN A 328 13.37 -6.08 -2.38
N SER A 329 12.46 -6.60 -1.56
CA SER A 329 12.33 -6.05 -0.20
C SER A 329 13.64 -6.21 0.58
N ILE A 330 14.20 -7.41 0.53
CA ILE A 330 15.47 -7.68 1.23
C ILE A 330 16.56 -6.80 0.67
N ALA A 331 16.66 -6.72 -0.65
CA ALA A 331 17.74 -5.94 -1.29
C ALA A 331 17.65 -4.49 -0.84
N CYS A 332 16.43 -3.94 -0.79
CA CYS A 332 16.27 -2.54 -0.34
C CYS A 332 16.66 -2.39 1.11
N ILE A 333 16.18 -3.27 1.97
CA ILE A 333 16.47 -3.24 3.43
C ILE A 333 17.99 -3.25 3.66
N ARG A 334 18.69 -4.13 2.98
CA ARG A 334 20.17 -4.21 3.09
C ARG A 334 20.82 -2.92 2.59
N GLU A 335 20.41 -2.41 1.43
CA GLU A 335 21.06 -1.24 0.83
C GLU A 335 20.84 -0.05 1.75
N LEU A 336 19.68 0.06 2.38
CA LEU A 336 19.42 1.23 3.25
C LEU A 336 20.06 1.05 4.63
N GLY A 337 20.52 -0.13 4.98
CA GLY A 337 21.13 -0.30 6.30
C GLY A 337 20.10 -0.48 7.39
N LEU A 338 18.90 -0.96 7.06
CA LEU A 338 17.79 -1.13 8.04
C LEU A 338 17.93 -2.45 8.80
N ASP A 339 17.56 -2.41 10.07
CA ASP A 339 17.40 -3.60 10.93
C ASP A 339 16.10 -4.28 10.53
N MET A 340 16.18 -5.56 10.17
CA MET A 340 14.99 -6.37 9.82
C MET A 340 13.96 -6.37 10.94
N ASP A 341 14.37 -6.19 12.19
CA ASP A 341 13.41 -6.23 13.31
C ASP A 341 12.53 -4.95 13.31
N ARG A 342 12.87 -3.95 12.50
CA ARG A 342 12.08 -2.69 12.43
C ARG A 342 11.17 -2.68 11.20
N ILE A 343 11.09 -3.78 10.50
CA ILE A 343 10.34 -3.90 9.21
C ILE A 343 8.99 -4.61 9.42
N ASN A 344 7.97 -4.05 8.80
CA ASN A 344 6.66 -4.72 8.61
C ASN A 344 6.24 -5.43 9.91
N LEU A 345 6.07 -4.64 10.95
CA LEU A 345 5.93 -5.20 12.32
C LEU A 345 4.78 -6.20 12.40
N ASP A 346 3.64 -5.94 11.77
CA ASP A 346 2.43 -6.78 11.85
C ASP A 346 2.30 -7.62 10.60
N GLY A 347 3.44 -7.92 9.97
CA GLY A 347 3.39 -8.68 8.71
C GLY A 347 3.53 -7.78 7.50
N GLY A 348 3.89 -8.35 6.39
CA GLY A 348 3.97 -7.59 5.14
C GLY A 348 3.17 -8.26 4.05
N ALA A 349 3.21 -7.70 2.84
CA ALA A 349 2.29 -8.10 1.77
C ALA A 349 2.42 -9.57 1.37
N LEU A 350 3.56 -10.27 1.61
CA LEU A 350 3.59 -11.71 1.23
C LEU A 350 2.43 -12.44 1.96
N ALA A 351 2.14 -11.99 3.18
CA ALA A 351 1.05 -12.54 4.02
C ALA A 351 -0.24 -11.72 3.93
N ILE A 352 -0.15 -10.38 3.91
CA ILE A 352 -1.37 -9.53 3.98
C ILE A 352 -2.02 -9.42 2.60
N GLY A 353 -1.24 -9.54 1.55
CA GLY A 353 -1.71 -9.32 0.18
C GLY A 353 -1.37 -7.92 -0.33
N HIS A 354 -1.59 -7.71 -1.60
CA HIS A 354 -1.13 -6.54 -2.38
C HIS A 354 -2.11 -6.24 -3.52
N PRO A 355 -3.27 -5.63 -3.20
CA PRO A 355 -4.20 -5.16 -4.24
C PRO A 355 -3.60 -3.83 -4.73
N LEU A 356 -2.99 -3.82 -5.90
CA LEU A 356 -2.05 -2.75 -6.31
C LEU A 356 -2.50 -1.37 -5.92
N GLY A 357 -3.66 -0.92 -6.30
CA GLY A 357 -4.07 0.47 -6.05
C GLY A 357 -4.25 0.77 -4.59
N ALA A 358 -4.56 -0.23 -3.78
CA ALA A 358 -4.89 -0.04 -2.36
C ALA A 358 -3.66 -0.03 -1.46
N THR A 359 -2.57 -0.63 -1.87
CA THR A 359 -1.43 -0.90 -0.97
C THR A 359 -0.82 0.39 -0.45
N GLY A 360 -0.68 1.45 -1.28
CA GLY A 360 0.03 2.62 -0.77
C GLY A 360 -0.71 3.24 0.39
N ALA A 361 -2.03 3.26 0.36
CA ALA A 361 -2.82 3.78 1.49
C ALA A 361 -2.67 2.85 2.68
N ARG A 362 -2.75 1.54 2.45
CA ARG A 362 -2.58 0.59 3.58
C ARG A 362 -1.23 0.80 4.26
N ILE A 363 -0.11 0.78 3.54
CA ILE A 363 1.20 0.80 4.23
C ILE A 363 1.44 2.18 4.85
N THR A 364 0.92 3.23 4.27
CA THR A 364 1.12 4.57 4.89
C THR A 364 0.25 4.64 6.15
N GLY A 365 -1.00 4.28 6.08
CA GLY A 365 -1.89 4.26 7.26
C GLY A 365 -1.39 3.33 8.31
N LYS A 366 -0.93 2.15 7.95
CA LYS A 366 -0.42 1.16 8.93
C LYS A 366 0.84 1.70 9.57
N ALA A 367 1.74 2.29 8.80
CA ALA A 367 2.93 2.88 9.41
C ALA A 367 2.49 3.93 10.43
N ALA A 368 1.51 4.79 10.11
CA ALA A 368 1.05 5.82 11.04
C ALA A 368 0.46 5.15 12.28
N ALA A 369 -0.40 4.17 12.11
CA ALA A 369 -1.08 3.53 13.27
C ALA A 369 -0.02 2.82 14.13
N LEU A 370 0.97 2.18 13.53
CA LEU A 370 2.04 1.50 14.27
C LEU A 370 2.90 2.51 15.00
N LEU A 371 3.21 3.66 14.40
CA LEU A 371 4.02 4.70 15.04
C LEU A 371 3.29 5.15 16.32
N ARG A 372 2.00 5.39 16.25
N ARG A 372 2.00 5.39 16.24
CA ARG A 372 1.22 5.78 17.45
CA ARG A 372 1.20 5.78 17.44
C ARG A 372 1.19 4.62 18.44
C ARG A 372 1.19 4.62 18.44
N ARG A 373 0.90 3.40 18.00
CA ARG A 373 0.75 2.24 18.91
C ARG A 373 2.05 2.04 19.68
N THR A 374 3.19 2.12 19.03
CA THR A 374 4.52 1.80 19.61
C THR A 374 5.13 2.98 20.35
N GLY A 375 4.55 4.18 20.23
CA GLY A 375 5.09 5.40 20.86
C GLY A 375 6.41 5.80 20.25
N GLY A 376 6.63 5.48 18.98
CA GLY A 376 7.85 5.88 18.27
C GLY A 376 7.85 7.35 17.87
N ARG A 377 8.97 7.81 17.31
CA ARG A 377 9.14 9.18 16.81
C ARG A 377 8.93 9.27 15.29
N TYR A 378 9.54 8.35 14.53
CA TYR A 378 9.53 8.43 13.05
C TYR A 378 9.26 7.06 12.47
N ALA A 379 8.54 7.11 11.37
CA ALA A 379 8.31 5.92 10.53
C ALA A 379 8.43 6.30 9.06
N ILE A 380 8.71 5.29 8.25
CA ILE A 380 8.68 5.44 6.78
C ILE A 380 7.80 4.34 6.21
N ALA A 381 7.01 4.75 5.25
CA ALA A 381 6.33 3.80 4.35
C ALA A 381 6.94 4.01 2.96
N THR A 382 7.29 2.92 2.28
CA THR A 382 7.95 3.01 0.97
C THR A 382 7.66 1.74 0.15
N GLN A 383 7.69 1.89 -1.17
CA GLN A 383 7.41 0.74 -2.04
C GLN A 383 7.98 1.03 -3.41
N CYS A 384 8.14 -0.05 -4.15
CA CYS A 384 8.54 -0.08 -5.56
C CYS A 384 7.32 -0.02 -6.49
N ILE A 385 7.58 0.29 -7.74
CA ILE A 385 6.53 0.57 -8.75
C ILE A 385 7.02 0.09 -10.10
N ALA A 386 6.19 -0.67 -10.81
CA ALA A 386 6.44 -1.09 -12.20
C ALA A 386 6.77 0.13 -13.04
N GLY A 387 7.70 -0.06 -13.96
CA GLY A 387 8.23 1.02 -14.80
C GLY A 387 9.36 1.75 -14.15
N GLY A 388 9.86 1.23 -13.03
CA GLY A 388 11.04 1.79 -12.34
C GLY A 388 10.76 3.03 -11.52
N GLN A 389 9.99 2.91 -10.45
CA GLN A 389 9.82 4.06 -9.55
C GLN A 389 9.76 3.55 -8.11
N GLY A 390 9.95 4.48 -7.21
CA GLY A 390 9.67 4.27 -5.79
C GLY A 390 8.97 5.47 -5.24
N VAL A 391 8.20 5.23 -4.18
CA VAL A 391 7.55 6.31 -3.41
C VAL A 391 7.84 6.09 -1.94
N ALA A 392 7.92 7.17 -1.19
CA ALA A 392 8.11 7.09 0.26
C ALA A 392 7.34 8.20 0.97
N THR A 393 6.99 7.94 2.21
CA THR A 393 6.34 8.90 3.09
C THR A 393 7.04 8.77 4.44
N LEU A 394 7.53 9.90 4.97
CA LEU A 394 8.11 9.91 6.34
C LEU A 394 7.13 10.57 7.31
N LEU A 395 6.82 9.83 8.35
CA LEU A 395 5.81 10.17 9.37
C LEU A 395 6.51 10.52 10.68
N GLU A 396 5.91 11.42 11.43
CA GLU A 396 6.49 11.79 12.74
C GLU A 396 5.36 11.80 13.76
N ALA A 397 5.70 11.52 15.00
CA ALA A 397 4.75 11.66 16.12
C ALA A 397 4.27 13.14 16.20
N VAL A 398 2.98 13.37 16.34
CA VAL A 398 2.43 14.75 16.21
C VAL A 398 2.96 15.60 17.39
N GLU A 399 3.35 14.97 18.51
CA GLU A 399 3.82 15.70 19.74
C GLU A 399 5.16 16.40 19.45
N LEU A 400 5.94 15.94 18.44
CA LEU A 400 7.33 16.43 18.24
C LEU A 400 7.37 17.90 17.80
N1A ACO B . 3.51 -21.45 2.11
C2A ACO B . 3.29 -22.58 1.40
N3A ACO B . 2.80 -22.72 0.17
C4A ACO B . 2.60 -21.51 -0.41
C5A ACO B . 2.79 -20.28 0.17
C6A ACO B . 3.28 -20.26 1.49
N6A ACO B . 3.46 -19.15 2.19
N7A ACO B . 2.43 -19.30 -0.75
C8A ACO B . 2.00 -19.94 -1.81
N9A ACO B . 2.12 -21.28 -1.66
C1B ACO B . 1.72 -22.32 -2.59
C2B ACO B . 0.26 -22.31 -2.99
O2B ACO B . -0.56 -22.87 -2.00
C3B ACO B . 0.33 -23.19 -4.22
O3B ACO B . 0.42 -24.53 -3.75
P3B ACO B . -0.45 -25.62 -4.65
O7A ACO B . -1.89 -25.21 -4.57
O8A ACO B . -0.17 -26.91 -3.91
O9A ACO B . 0.08 -25.64 -6.07
C4B ACO B . 1.64 -22.72 -4.87
O4B ACO B . 2.40 -22.09 -3.80
C5B ACO B . 1.43 -21.74 -5.99
O5B ACO B . 0.71 -20.65 -5.42
P1A ACO B . -0.61 -20.03 -6.09
O1A ACO B . -1.33 -21.00 -6.98
O2A ACO B . -1.36 -19.19 -5.07
O3A ACO B . 0.15 -19.05 -7.08
P2A ACO B . 0.09 -18.81 -8.65
O4A ACO B . 1.03 -19.88 -9.15
O5A ACO B . -1.34 -18.70 -9.08
O6A ACO B . 0.80 -17.35 -8.92
CBP ACO B . 2.56 -15.72 -8.98
CCP ACO B . 2.12 -17.06 -8.39
CDP ACO B . 3.90 -15.33 -8.32
CEP ACO B . 2.80 -15.84 -10.49
CAP ACO B . 1.51 -14.59 -8.76
OAP ACO B . 1.09 -14.58 -7.39
C9P ACO B . 2.03 -13.20 -9.12
O9P ACO B . 2.16 -12.83 -10.29
N8P ACO B . 2.39 -12.47 -8.07
C7P ACO B . 2.94 -11.13 -8.22
C6P ACO B . 1.88 -10.27 -8.77
C5P ACO B . 2.50 -8.95 -9.12
O5P ACO B . 3.55 -8.83 -9.76
N4P ACO B . 1.86 -7.88 -8.64
C3P ACO B . 2.29 -6.56 -9.00
C2P ACO B . 3.00 -5.99 -7.83
S1P ACO B . 4.77 -6.04 -8.11
C ACO B . 5.02 -4.33 -7.79
O ACO B . 4.65 -3.78 -6.80
CH3 ACO B . 5.68 -3.63 -8.88
C1 GOL C . 21.06 -15.35 -6.13
O1 GOL C . 21.53 -16.09 -5.02
C2 GOL C . 19.79 -15.96 -6.69
O2 GOL C . 19.97 -17.35 -6.94
C3 GOL C . 19.31 -15.33 -7.98
O3 GOL C . 18.05 -15.86 -8.35
#